data_6XIU
#
_entry.id   6XIU
#
_cell.length_a   48.240
_cell.length_b   95.150
_cell.length_c   133.090
_cell.angle_alpha   90.000
_cell.angle_beta   90.000
_cell.angle_gamma   90.000
#
_symmetry.space_group_name_H-M   'P 21 21 21'
#
loop_
_entity.id
_entity.type
_entity.pdbx_description
1 polymer 'Regulatory protein Rns'
2 non-polymer 'DECANOIC ACID'
#
_entity_poly.entity_id   1
_entity_poly.type   'polypeptide(L)'
_entity_poly.pdbx_seq_one_letter_code
;MDFKYTEEKETIKINNIMIHKYTVLYTSNCIMDIYSEEEKITCFSNRLVFLERGVNISVRMQKQILSEKPYVAFRLNGDM
LRHLKDALMIIYGMSKIDTNACRSMSRKIMTTEVNKTLLDELKNINSHDNSAFISSLIYLISKLENNEKIIESIYISSVS
FFSDKVRNLIEKDLSRKWTLGIIADAFNASEITIRKRLESENTNFNQILMQLRMSKAALLLLENSYQISQISNMIGISSA
SYFIRIFNKHYGVTPKQFFTYFKGG
;
_entity_poly.pdbx_strand_id   A,B
#
loop_
_chem_comp.id
_chem_comp.type
_chem_comp.name
_chem_comp.formula
DKA non-polymer 'DECANOIC ACID' 'C10 H20 O2'
#
# COMPACT_ATOMS: atom_id res chain seq x y z
N LYS A 9 -12.71 -16.29 10.74
CA LYS A 9 -12.34 -16.32 9.32
C LYS A 9 -10.85 -16.63 9.24
N GLU A 10 -10.51 -17.84 8.76
CA GLU A 10 -9.12 -18.25 8.68
C GLU A 10 -8.54 -18.21 7.27
N THR A 11 -8.99 -17.27 6.47
CA THR A 11 -8.46 -16.98 5.16
C THR A 11 -7.79 -15.62 5.24
N ILE A 12 -6.76 -15.39 4.44
CA ILE A 12 -6.00 -14.14 4.53
C ILE A 12 -5.57 -13.68 3.14
N LYS A 13 -5.61 -12.36 2.93
CA LYS A 13 -5.16 -11.68 1.72
C LYS A 13 -3.92 -10.88 2.05
N ILE A 14 -2.79 -11.25 1.45
CA ILE A 14 -1.52 -10.57 1.70
C ILE A 14 -0.98 -10.10 0.35
N ASN A 15 -0.70 -8.81 0.26
CA ASN A 15 -0.43 -8.19 -1.02
C ASN A 15 1.05 -7.86 -1.08
N ASN A 16 1.63 -7.89 -2.28
CA ASN A 16 2.95 -7.31 -2.54
C ASN A 16 4.08 -8.07 -1.85
N ILE A 17 3.94 -9.37 -1.65
CA ILE A 17 5.02 -10.18 -1.09
C ILE A 17 6.10 -10.36 -2.15
N MET A 18 7.33 -9.94 -1.83
CA MET A 18 8.43 -9.91 -2.77
C MET A 18 9.50 -10.90 -2.32
N ILE A 19 9.86 -11.82 -3.20
CA ILE A 19 10.68 -12.96 -2.85
C ILE A 19 12.15 -12.61 -3.10
N HIS A 20 12.91 -12.51 -2.02
CA HIS A 20 14.31 -12.09 -2.02
C HIS A 20 15.25 -13.25 -2.06
N LYS A 21 14.72 -14.46 -1.93
CA LYS A 21 15.47 -15.68 -1.88
C LYS A 21 14.63 -16.72 -2.59
N TYR A 22 15.27 -17.47 -3.48
CA TYR A 22 14.59 -18.60 -4.07
C TYR A 22 13.88 -19.40 -3.00
N THR A 23 12.58 -19.63 -3.21
CA THR A 23 11.75 -20.19 -2.15
C THR A 23 11.07 -21.47 -2.59
N VAL A 24 11.11 -22.50 -1.75
CA VAL A 24 10.38 -23.74 -1.99
C VAL A 24 9.36 -23.87 -0.88
N LEU A 25 8.09 -23.94 -1.27
CA LEU A 25 6.98 -23.87 -0.33
C LEU A 25 6.24 -25.18 -0.41
N TYR A 26 5.82 -25.70 0.73
CA TYR A 26 5.06 -26.93 0.81
C TYR A 26 3.80 -26.65 1.59
N THR A 27 2.68 -26.62 0.90
CA THR A 27 1.40 -26.27 1.51
C THR A 27 1.06 -27.37 2.51
N SER A 28 1.65 -27.25 3.71
CA SER A 28 1.53 -28.31 4.70
C SER A 28 0.07 -28.50 5.11
N ASN A 29 -0.66 -27.42 5.30
CA ASN A 29 -2.11 -27.48 5.35
C ASN A 29 -2.65 -26.10 5.01
N CYS A 30 -2.64 -25.78 3.72
CA CYS A 30 -3.36 -24.60 3.27
C CYS A 30 -3.62 -24.75 1.77
N ILE A 31 -4.52 -23.91 1.29
CA ILE A 31 -4.88 -23.82 -0.12
C ILE A 31 -4.69 -22.37 -0.52
N MET A 32 -4.12 -22.12 -1.69
CA MET A 32 -3.61 -20.76 -1.84
C MET A 32 -3.69 -20.29 -3.29
N ASP A 33 -4.18 -19.08 -3.50
CA ASP A 33 -4.23 -18.48 -4.82
C ASP A 33 -3.10 -17.46 -4.89
N ILE A 34 -2.27 -17.54 -5.92
CA ILE A 34 -1.05 -16.74 -6.10
C ILE A 34 -1.24 -15.84 -7.32
N TYR A 35 -1.19 -14.54 -7.14
CA TYR A 35 -1.35 -13.62 -8.25
C TYR A 35 -0.07 -12.93 -8.62
N SER A 36 0.65 -13.50 -9.57
CA SER A 36 1.91 -12.96 -10.03
C SER A 36 1.80 -11.61 -10.66
N GLU A 37 1.31 -11.60 -11.88
CA GLU A 37 1.11 -10.35 -12.57
C GLU A 37 -0.13 -10.57 -13.41
N GLU A 38 -1.22 -10.01 -12.94
CA GLU A 38 -2.52 -10.12 -13.58
C GLU A 38 -2.85 -11.57 -13.87
N GLU A 39 -2.00 -12.47 -13.39
CA GLU A 39 -2.26 -13.89 -13.60
C GLU A 39 -2.48 -14.57 -12.26
N LYS A 40 -2.63 -15.89 -12.26
CA LYS A 40 -3.11 -16.56 -11.06
C LYS A 40 -2.76 -18.02 -11.10
N ILE A 41 -2.40 -18.58 -9.94
CA ILE A 41 -2.13 -20.00 -9.81
C ILE A 41 -2.82 -20.45 -8.53
N THR A 42 -3.48 -21.60 -8.56
CA THR A 42 -4.00 -22.19 -7.34
C THR A 42 -3.14 -23.38 -6.95
N CYS A 43 -2.84 -23.48 -5.65
CA CYS A 43 -1.98 -24.53 -5.06
C CYS A 43 -2.81 -25.33 -4.07
N PHE A 44 -3.03 -26.60 -4.40
CA PHE A 44 -3.97 -27.42 -3.67
C PHE A 44 -3.30 -27.94 -2.41
N SER A 45 -3.93 -28.93 -1.77
CA SER A 45 -3.60 -29.25 -0.38
C SER A 45 -2.13 -29.59 -0.21
N ASN A 46 -1.67 -30.64 -0.86
CA ASN A 46 -0.39 -31.25 -0.55
C ASN A 46 0.51 -31.15 -1.77
N ARG A 47 0.99 -29.93 -2.02
CA ARG A 47 1.76 -29.65 -3.21
C ARG A 47 3.04 -28.93 -2.82
N LEU A 48 3.93 -28.79 -3.80
CA LEU A 48 5.15 -28.02 -3.64
C LEU A 48 5.09 -26.83 -4.59
N VAL A 49 5.66 -25.72 -4.17
CA VAL A 49 5.65 -24.45 -4.90
C VAL A 49 7.10 -23.99 -5.02
N PHE A 50 7.52 -23.70 -6.22
CA PHE A 50 8.87 -23.23 -6.53
C PHE A 50 8.71 -21.80 -6.99
N LEU A 51 9.21 -20.86 -6.17
CA LEU A 51 9.02 -19.43 -6.31
C LEU A 51 10.36 -18.84 -6.72
N GLU A 52 10.39 -18.31 -7.93
CA GLU A 52 11.60 -17.73 -8.48
C GLU A 52 11.94 -16.47 -7.70
N ARG A 53 13.22 -16.26 -7.48
CA ARG A 53 13.65 -15.08 -6.75
C ARG A 53 13.37 -13.82 -7.57
N GLY A 54 12.91 -12.78 -6.88
CA GLY A 54 12.67 -11.48 -7.49
C GLY A 54 11.24 -11.24 -7.94
N VAL A 55 10.41 -12.29 -7.97
CA VAL A 55 9.02 -12.11 -8.28
C VAL A 55 8.34 -11.42 -7.11
N ASN A 56 7.24 -10.74 -7.43
CA ASN A 56 6.39 -10.06 -6.47
C ASN A 56 5.00 -10.61 -6.68
N ILE A 57 4.41 -11.13 -5.63
CA ILE A 57 3.17 -11.87 -5.79
C ILE A 57 2.19 -11.41 -4.73
N SER A 58 0.94 -11.79 -4.89
CA SER A 58 -0.08 -11.57 -3.90
C SER A 58 -0.72 -12.92 -3.61
N VAL A 59 -1.30 -13.11 -2.43
CA VAL A 59 -1.67 -14.44 -1.96
C VAL A 59 -2.99 -14.37 -1.23
N ARG A 60 -3.91 -15.27 -1.56
CA ARG A 60 -5.12 -15.47 -0.77
C ARG A 60 -5.09 -16.90 -0.29
N MET A 61 -5.05 -17.12 1.01
CA MET A 61 -4.73 -18.47 1.46
C MET A 61 -5.62 -18.87 2.63
N GLN A 62 -6.09 -20.10 2.57
CA GLN A 62 -7.06 -20.63 3.53
C GLN A 62 -6.43 -21.80 4.28
N LYS A 63 -6.48 -21.74 5.61
CA LYS A 63 -5.94 -22.81 6.41
C LYS A 63 -6.87 -24.02 6.36
N GLN A 64 -6.27 -25.21 6.51
CA GLN A 64 -7.01 -26.44 6.76
C GLN A 64 -7.31 -26.53 8.24
N ILE A 65 -6.35 -27.00 9.01
CA ILE A 65 -6.47 -27.00 10.46
C ILE A 65 -5.96 -25.66 10.93
N LEU A 66 -6.78 -25.00 11.74
CA LEU A 66 -6.50 -23.65 12.23
C LEU A 66 -5.43 -23.56 13.30
N SER A 67 -5.36 -24.54 14.19
CA SER A 67 -4.37 -24.46 15.25
C SER A 67 -2.95 -24.72 14.77
N GLU A 68 -2.68 -24.76 13.47
CA GLU A 68 -1.38 -25.12 12.95
C GLU A 68 -0.91 -24.02 11.98
N LYS A 69 0.32 -24.16 11.52
CA LYS A 69 0.89 -23.18 10.63
C LYS A 69 0.36 -23.42 9.22
N PRO A 70 0.39 -22.40 8.35
CA PRO A 70 -0.22 -22.56 7.01
C PRO A 70 0.49 -23.56 6.10
N TYR A 71 1.82 -23.46 6.08
CA TYR A 71 2.65 -24.15 5.13
C TYR A 71 4.02 -24.34 5.76
N VAL A 72 4.95 -24.88 4.99
CA VAL A 72 6.34 -24.96 5.40
C VAL A 72 7.20 -24.46 4.25
N ALA A 73 8.15 -23.58 4.55
CA ALA A 73 8.86 -22.86 3.51
C ALA A 73 10.36 -22.96 3.73
N PHE A 74 11.11 -23.13 2.62
CA PHE A 74 12.57 -23.17 2.63
C PHE A 74 13.05 -22.02 1.78
N ARG A 75 14.03 -21.26 2.29
CA ARG A 75 14.54 -20.09 1.58
C ARG A 75 16.04 -20.23 1.42
N LEU A 76 16.52 -20.09 0.19
CA LEU A 76 17.89 -20.40 -0.14
C LEU A 76 18.66 -19.10 -0.25
N ASN A 77 19.65 -18.90 0.60
CA ASN A 77 20.39 -17.65 0.46
C ASN A 77 21.39 -17.75 -0.68
N GLY A 78 22.15 -16.67 -0.86
CA GLY A 78 22.92 -16.51 -2.08
C GLY A 78 23.98 -17.57 -2.25
N ASP A 79 24.73 -17.87 -1.18
CA ASP A 79 25.71 -18.95 -1.25
C ASP A 79 25.03 -20.22 -1.74
N MET A 80 24.06 -20.73 -0.97
CA MET A 80 23.39 -21.98 -1.30
C MET A 80 22.87 -21.99 -2.72
N LEU A 81 22.26 -20.90 -3.17
CA LEU A 81 21.71 -20.90 -4.53
C LEU A 81 22.83 -20.91 -5.56
N ARG A 82 23.95 -20.25 -5.28
CA ARG A 82 25.07 -20.34 -6.20
C ARG A 82 25.61 -21.78 -6.27
N HIS A 83 25.76 -22.42 -5.12
CA HIS A 83 26.17 -23.82 -5.11
C HIS A 83 25.18 -24.70 -5.87
N LEU A 84 23.89 -24.49 -5.66
CA LEU A 84 22.87 -25.26 -6.37
C LEU A 84 22.94 -25.02 -7.87
N LYS A 85 23.16 -23.77 -8.28
CA LYS A 85 23.28 -23.46 -9.70
C LYS A 85 24.46 -24.19 -10.32
N ASP A 86 25.63 -24.05 -9.72
CA ASP A 86 26.82 -24.72 -10.23
C ASP A 86 26.61 -26.23 -10.29
N ALA A 87 26.24 -26.83 -9.17
CA ALA A 87 26.01 -28.25 -9.14
C ALA A 87 25.00 -28.71 -10.17
N LEU A 88 23.98 -27.89 -10.45
CA LEU A 88 22.94 -28.28 -11.40
C LEU A 88 23.40 -28.15 -12.83
N MET A 89 24.18 -27.13 -13.11
CA MET A 89 24.67 -27.00 -14.47
C MET A 89 25.86 -27.91 -14.75
N ILE A 90 26.39 -28.59 -13.73
CA ILE A 90 27.30 -29.72 -13.90
C ILE A 90 26.54 -31.03 -14.05
N ILE A 91 25.45 -31.25 -13.33
CA ILE A 91 24.75 -32.52 -13.43
C ILE A 91 23.90 -32.64 -14.70
N TYR A 92 23.39 -31.53 -15.23
CA TYR A 92 22.51 -31.64 -16.40
C TYR A 92 23.05 -31.03 -17.69
N GLY A 93 24.19 -30.34 -17.65
CA GLY A 93 24.62 -29.55 -18.80
C GLY A 93 24.29 -28.07 -18.66
N ARG A 103 10.26 -13.71 -19.90
CA ARG A 103 9.21 -13.25 -19.00
C ARG A 103 8.00 -14.16 -19.16
N SER A 104 7.82 -15.01 -18.17
CA SER A 104 6.75 -16.01 -18.15
C SER A 104 6.54 -16.42 -16.71
N MET A 105 5.42 -15.99 -16.12
CA MET A 105 5.12 -16.33 -14.72
C MET A 105 4.88 -17.83 -14.57
N SER A 106 4.69 -18.55 -15.68
CA SER A 106 4.64 -20.00 -15.63
C SER A 106 6.03 -20.64 -15.58
N ARG A 107 7.10 -19.90 -15.93
CA ARG A 107 8.47 -20.28 -15.61
C ARG A 107 9.03 -19.55 -14.38
N LYS A 108 8.17 -18.84 -13.62
CA LYS A 108 8.56 -18.12 -12.42
C LYS A 108 7.91 -18.66 -11.16
N ILE A 109 6.74 -19.29 -11.27
CA ILE A 109 6.02 -19.83 -10.12
C ILE A 109 5.45 -21.16 -10.54
N MET A 110 5.87 -22.25 -9.89
CA MET A 110 5.45 -23.56 -10.37
C MET A 110 5.00 -24.46 -9.22
N THR A 111 3.83 -25.07 -9.35
CA THR A 111 3.34 -26.01 -8.35
C THR A 111 3.44 -27.42 -8.90
N THR A 112 3.73 -28.38 -8.04
CA THR A 112 3.80 -29.76 -8.44
C THR A 112 3.23 -30.66 -7.36
N GLU A 113 3.05 -31.92 -7.75
CA GLU A 113 2.46 -32.97 -6.93
C GLU A 113 3.59 -33.78 -6.29
N VAL A 114 3.68 -33.74 -4.98
CA VAL A 114 4.76 -34.42 -4.26
C VAL A 114 4.29 -35.82 -3.92
N ASN A 115 5.03 -36.82 -4.40
CA ASN A 115 4.60 -38.20 -4.26
C ASN A 115 4.75 -38.64 -2.81
N LYS A 116 4.28 -39.85 -2.52
CA LYS A 116 4.42 -40.40 -1.17
C LYS A 116 5.89 -40.49 -0.76
N THR A 117 6.69 -41.18 -1.59
CA THR A 117 8.09 -41.44 -1.25
C THR A 117 8.91 -40.14 -1.18
N LEU A 118 8.73 -39.25 -2.16
CA LEU A 118 9.42 -37.96 -2.13
C LEU A 118 8.96 -37.13 -0.93
N LEU A 119 7.72 -37.35 -0.48
CA LEU A 119 7.20 -36.68 0.71
C LEU A 119 7.95 -37.12 1.96
N ASP A 120 8.10 -38.44 2.15
CA ASP A 120 8.96 -38.92 3.24
C ASP A 120 10.37 -38.35 3.12
N GLU A 121 10.87 -38.22 1.88
CA GLU A 121 12.16 -37.56 1.66
C GLU A 121 12.19 -36.17 2.25
N LEU A 122 11.15 -35.37 1.98
CA LEU A 122 11.04 -34.03 2.55
C LEU A 122 10.99 -34.08 4.07
N LYS A 123 10.42 -35.15 4.61
CA LYS A 123 10.33 -35.31 6.05
C LYS A 123 11.73 -35.32 6.67
N ASN A 124 12.55 -36.33 6.33
CA ASN A 124 13.89 -36.46 6.90
C ASN A 124 14.84 -35.43 6.28
N ILE A 125 14.36 -34.20 6.11
CA ILE A 125 15.20 -33.08 5.74
C ILE A 125 15.49 -32.28 7.00
N ASN A 126 16.74 -32.33 7.41
CA ASN A 126 17.23 -31.61 8.57
C ASN A 126 18.16 -30.54 8.03
N SER A 127 17.71 -29.29 8.05
CA SER A 127 18.44 -28.21 7.38
C SER A 127 19.63 -27.72 8.22
N HIS A 128 20.53 -28.63 8.53
CA HIS A 128 21.76 -28.29 9.24
C HIS A 128 23.01 -28.57 8.43
N ASP A 129 23.13 -29.80 7.92
CA ASP A 129 24.16 -30.21 6.97
C ASP A 129 23.78 -29.60 5.63
N ASN A 130 24.39 -28.45 5.30
CA ASN A 130 24.04 -27.78 4.04
C ASN A 130 24.33 -28.69 2.86
N SER A 131 25.44 -29.44 2.91
CA SER A 131 25.69 -30.44 1.88
C SER A 131 24.55 -31.45 1.81
N ALA A 132 24.06 -31.93 2.96
CA ALA A 132 22.90 -32.83 2.96
C ALA A 132 21.66 -32.16 2.39
N PHE A 133 21.49 -30.85 2.64
CA PHE A 133 20.33 -30.17 2.08
C PHE A 133 20.44 -29.99 0.58
N ILE A 134 21.59 -29.52 0.08
CA ILE A 134 21.76 -29.43 -1.37
C ILE A 134 21.56 -30.80 -2.00
N SER A 135 22.02 -31.87 -1.35
CA SER A 135 21.78 -33.19 -1.90
C SER A 135 20.29 -33.52 -1.93
N SER A 136 19.57 -33.29 -0.82
CA SER A 136 18.14 -33.57 -0.81
C SER A 136 17.42 -32.75 -1.88
N LEU A 137 17.86 -31.53 -2.07
CA LEU A 137 17.25 -30.66 -3.06
C LEU A 137 17.52 -31.18 -4.46
N ILE A 138 18.75 -31.62 -4.72
CA ILE A 138 19.12 -32.13 -6.03
C ILE A 138 18.39 -33.43 -6.33
N TYR A 139 18.33 -34.34 -5.35
CA TYR A 139 17.58 -35.57 -5.59
C TYR A 139 16.11 -35.26 -5.87
N LEU A 140 15.52 -34.34 -5.10
CA LEU A 140 14.15 -33.93 -5.36
C LEU A 140 13.98 -33.42 -6.79
N ILE A 141 14.83 -32.47 -7.19
CA ILE A 141 14.78 -31.92 -8.54
C ILE A 141 14.93 -33.03 -9.58
N SER A 142 15.78 -34.01 -9.29
CA SER A 142 15.92 -35.14 -10.19
C SER A 142 14.63 -35.95 -10.28
N LYS A 143 13.83 -35.98 -9.23
CA LYS A 143 12.63 -36.82 -9.23
C LYS A 143 11.36 -36.05 -9.59
N LEU A 144 11.47 -35.01 -10.42
CA LEU A 144 10.34 -34.18 -10.86
C LEU A 144 10.11 -34.26 -12.35
N GLU A 145 8.84 -34.42 -12.75
CA GLU A 145 8.54 -34.46 -14.16
C GLU A 145 8.25 -33.06 -14.68
N ASN A 146 8.76 -32.79 -15.90
CA ASN A 146 8.83 -31.45 -16.49
C ASN A 146 9.71 -30.51 -15.65
N ASN A 147 10.81 -31.06 -15.11
CA ASN A 147 11.69 -30.32 -14.20
C ASN A 147 12.63 -29.33 -14.89
N GLU A 148 12.73 -29.39 -16.23
CA GLU A 148 13.53 -28.40 -16.93
C GLU A 148 13.14 -26.98 -16.49
N LYS A 149 11.83 -26.69 -16.45
CA LYS A 149 11.36 -25.35 -16.13
C LYS A 149 11.88 -24.85 -14.80
N ILE A 150 12.31 -25.75 -13.91
CA ILE A 150 12.86 -25.31 -12.63
C ILE A 150 14.33 -24.97 -12.75
N ILE A 151 15.14 -25.80 -13.42
CA ILE A 151 16.56 -25.51 -13.54
C ILE A 151 16.78 -24.12 -14.13
N GLU A 152 16.10 -23.81 -15.24
CA GLU A 152 16.15 -22.46 -15.79
C GLU A 152 15.88 -21.42 -14.69
N SER A 153 14.75 -21.53 -13.98
CA SER A 153 14.44 -20.49 -13.00
C SER A 153 15.46 -20.44 -11.85
N ILE A 154 16.23 -21.51 -11.62
CA ILE A 154 17.26 -21.45 -10.59
C ILE A 154 18.50 -20.75 -11.11
N TYR A 155 18.79 -20.88 -12.41
CA TYR A 155 19.86 -20.09 -12.99
C TYR A 155 19.40 -18.67 -13.26
N ILE A 156 18.17 -18.48 -13.77
CA ILE A 156 17.63 -17.14 -14.03
C ILE A 156 17.77 -16.28 -12.77
N SER A 157 17.36 -16.83 -11.64
CA SER A 157 17.39 -16.14 -10.36
C SER A 157 18.71 -16.29 -9.61
N SER A 158 19.80 -16.72 -10.26
CA SER A 158 21.06 -16.92 -9.53
C SER A 158 22.16 -15.94 -9.93
N VAL A 159 21.86 -15.02 -10.86
CA VAL A 159 22.78 -13.99 -11.32
C VAL A 159 22.50 -12.68 -10.57
N SER A 160 23.53 -11.84 -10.47
CA SER A 160 23.50 -10.55 -9.75
C SER A 160 23.06 -9.38 -10.66
N PHE A 161 21.94 -8.74 -10.31
CA PHE A 161 21.45 -7.55 -11.02
C PHE A 161 21.85 -6.25 -10.33
N PHE A 162 21.60 -5.13 -11.00
CA PHE A 162 21.95 -3.87 -10.35
C PHE A 162 21.01 -3.58 -9.18
N SER A 163 19.73 -3.95 -9.29
CA SER A 163 18.85 -3.88 -8.13
C SER A 163 19.44 -4.63 -6.97
N ASP A 164 20.25 -5.67 -7.26
CA ASP A 164 20.93 -6.46 -6.23
C ASP A 164 22.07 -5.67 -5.59
N LYS A 165 22.92 -5.04 -6.40
CA LYS A 165 23.96 -4.21 -5.81
C LYS A 165 23.34 -3.14 -4.91
N VAL A 166 22.24 -2.52 -5.38
CA VAL A 166 21.52 -1.53 -4.58
C VAL A 166 21.00 -2.18 -3.29
N ARG A 167 20.43 -3.37 -3.40
CA ARG A 167 19.94 -4.06 -2.22
C ARG A 167 21.05 -4.33 -1.21
N ASN A 168 22.23 -4.73 -1.68
CA ASN A 168 23.29 -5.05 -0.73
C ASN A 168 23.79 -3.80 -0.01
N LEU A 169 23.90 -2.68 -0.73
CA LEU A 169 24.27 -1.43 -0.07
C LEU A 169 23.22 -1.01 0.95
N ILE A 170 21.94 -1.22 0.65
CA ILE A 170 20.89 -0.84 1.61
C ILE A 170 20.94 -1.78 2.81
N GLU A 171 21.21 -3.07 2.59
CA GLU A 171 21.22 -4.04 3.65
C GLU A 171 22.43 -3.89 4.57
N LYS A 172 23.51 -3.24 4.11
CA LYS A 172 24.64 -3.00 5.00
C LYS A 172 24.28 -2.10 6.19
N ASP A 173 23.19 -1.34 6.11
CA ASP A 173 22.72 -0.45 7.17
C ASP A 173 21.26 -0.09 6.89
N LEU A 174 20.31 -0.94 7.30
CA LEU A 174 18.93 -0.76 6.85
C LEU A 174 18.32 0.54 7.38
N SER A 175 18.80 1.08 8.50
CA SER A 175 18.14 2.20 9.17
C SER A 175 18.57 3.59 8.68
N ARG A 176 19.62 3.74 7.87
CA ARG A 176 19.93 5.08 7.37
C ARG A 176 18.74 5.59 6.55
N LYS A 177 18.72 6.89 6.30
CA LYS A 177 17.63 7.51 5.56
C LYS A 177 18.13 7.61 4.13
N TRP A 178 17.76 6.63 3.30
CA TRP A 178 18.31 6.58 1.95
C TRP A 178 17.52 7.46 0.98
N THR A 179 18.26 8.04 0.03
CA THR A 179 17.73 8.79 -1.09
C THR A 179 18.44 8.31 -2.34
N LEU A 180 17.94 8.66 -3.50
CA LEU A 180 18.70 8.40 -4.71
C LEU A 180 20.05 9.10 -4.69
N GLY A 181 20.17 10.21 -3.97
CA GLY A 181 21.42 10.97 -3.94
C GLY A 181 22.58 10.22 -3.29
N ILE A 182 22.28 9.50 -2.20
CA ILE A 182 23.26 8.68 -1.50
C ILE A 182 23.75 7.52 -2.36
N ILE A 183 22.82 6.84 -3.06
CA ILE A 183 23.20 5.73 -3.94
C ILE A 183 24.02 6.27 -5.10
N ALA A 184 23.59 7.38 -5.69
CA ALA A 184 24.28 7.94 -6.83
C ALA A 184 25.65 8.50 -6.45
N ASP A 185 25.90 8.77 -5.17
CA ASP A 185 27.29 9.07 -4.82
C ASP A 185 28.09 7.80 -4.53
N ALA A 186 27.45 6.83 -3.86
CA ALA A 186 28.09 5.54 -3.61
C ALA A 186 28.57 4.90 -4.89
N PHE A 187 27.65 4.63 -5.81
CA PHE A 187 28.01 4.22 -7.16
C PHE A 187 28.32 5.48 -7.94
N ASN A 188 29.39 5.46 -8.73
CA ASN A 188 29.79 6.69 -9.42
C ASN A 188 28.91 6.89 -10.65
N ALA A 189 27.71 7.44 -10.41
CA ALA A 189 26.80 7.84 -11.49
C ALA A 189 25.84 8.91 -10.98
N SER A 190 24.97 9.39 -11.88
CA SER A 190 24.00 10.43 -11.54
C SER A 190 22.63 9.81 -11.30
N GLU A 191 21.78 10.54 -10.58
CA GLU A 191 20.47 10.00 -10.23
C GLU A 191 19.69 9.53 -11.43
N ILE A 192 19.83 10.20 -12.58
CA ILE A 192 19.18 9.72 -13.79
C ILE A 192 19.72 8.36 -14.19
N THR A 193 21.06 8.20 -14.18
CA THR A 193 21.66 6.91 -14.50
C THR A 193 21.08 5.80 -13.64
N ILE A 194 20.94 6.04 -12.33
CA ILE A 194 20.52 4.96 -11.46
C ILE A 194 19.01 4.74 -11.54
N ARG A 195 18.22 5.80 -11.73
CA ARG A 195 16.78 5.61 -11.88
C ARG A 195 16.48 4.86 -13.16
N LYS A 196 17.27 5.07 -14.23
CA LYS A 196 17.02 4.35 -15.47
C LYS A 196 17.64 2.93 -15.51
N ARG A 197 18.80 2.71 -14.85
CA ARG A 197 19.27 1.32 -14.71
C ARG A 197 18.29 0.50 -13.87
N LEU A 198 17.75 1.08 -12.79
CA LEU A 198 16.68 0.39 -12.05
C LEU A 198 15.39 0.33 -12.85
N GLU A 199 15.15 1.28 -13.76
CA GLU A 199 13.92 1.25 -14.54
C GLU A 199 13.92 0.11 -15.54
N SER A 200 15.04 -0.13 -16.20
CA SER A 200 15.10 -1.28 -17.11
C SER A 200 14.96 -2.60 -16.37
N GLU A 201 15.00 -2.59 -15.05
CA GLU A 201 14.70 -3.76 -14.25
C GLU A 201 13.28 -3.74 -13.70
N ASN A 202 12.42 -2.85 -14.20
CA ASN A 202 11.02 -2.84 -13.80
C ASN A 202 10.88 -2.69 -12.29
N THR A 203 11.58 -1.68 -11.76
CA THR A 203 11.49 -1.30 -10.35
C THR A 203 12.00 0.12 -10.23
N ASN A 204 12.01 0.62 -9.01
CA ASN A 204 12.61 1.90 -8.70
C ASN A 204 13.13 1.80 -7.29
N PHE A 205 13.83 2.83 -6.86
CA PHE A 205 14.57 2.72 -5.62
C PHE A 205 13.63 2.73 -4.39
N ASN A 206 12.56 3.54 -4.42
CA ASN A 206 11.64 3.57 -3.28
C ASN A 206 10.99 2.21 -3.08
N GLN A 207 10.82 1.48 -4.17
CA GLN A 207 10.23 0.16 -4.08
C GLN A 207 11.23 -0.84 -3.53
N ILE A 208 12.47 -0.76 -3.97
CA ILE A 208 13.50 -1.64 -3.42
C ILE A 208 13.57 -1.50 -1.91
N LEU A 209 13.73 -0.24 -1.44
CA LEU A 209 13.79 0.07 -0.01
C LEU A 209 12.55 -0.39 0.73
N MET A 210 11.36 -0.04 0.25
CA MET A 210 10.14 -0.45 0.93
C MET A 210 10.06 -1.98 1.05
N GLN A 211 10.42 -2.71 -0.01
CA GLN A 211 10.35 -4.17 0.00
C GLN A 211 11.36 -4.80 0.97
N LEU A 212 12.60 -4.28 1.05
CA LEU A 212 13.52 -4.74 2.09
C LEU A 212 12.93 -4.54 3.47
N ARG A 213 12.50 -3.32 3.78
CA ARG A 213 12.02 -3.06 5.13
C ARG A 213 10.80 -3.94 5.46
N MET A 214 9.89 -4.11 4.52
CA MET A 214 8.65 -4.83 4.83
C MET A 214 8.88 -6.34 4.89
N SER A 215 9.80 -6.90 4.09
CA SER A 215 10.16 -8.31 4.25
C SER A 215 10.85 -8.55 5.57
N LYS A 216 11.86 -7.72 5.89
CA LYS A 216 12.60 -7.86 7.14
C LYS A 216 11.65 -7.73 8.33
N ALA A 217 10.64 -6.87 8.21
CA ALA A 217 9.66 -6.72 9.27
C ALA A 217 8.79 -7.94 9.39
N ALA A 218 8.37 -8.52 8.27
CA ALA A 218 7.55 -9.72 8.34
C ALA A 218 8.30 -10.86 9.02
N LEU A 219 9.54 -11.13 8.56
CA LEU A 219 10.33 -12.22 9.11
C LEU A 219 10.57 -12.05 10.61
N LEU A 220 10.98 -10.84 11.00
CA LEU A 220 11.23 -10.57 12.40
C LEU A 220 9.94 -10.74 13.21
N LEU A 221 8.81 -10.33 12.65
CA LEU A 221 7.56 -10.50 13.38
C LEU A 221 7.25 -11.97 13.56
N LEU A 222 7.67 -12.82 12.62
CA LEU A 222 7.42 -14.26 12.77
C LEU A 222 8.32 -14.91 13.80
N GLU A 223 9.47 -14.27 14.12
CA GLU A 223 10.43 -14.77 15.11
C GLU A 223 9.89 -14.77 16.53
N ASN A 224 8.87 -13.97 16.82
CA ASN A 224 8.22 -13.98 18.14
C ASN A 224 9.20 -13.62 19.25
N SER A 225 10.02 -12.60 19.03
CA SER A 225 10.95 -12.20 20.07
C SER A 225 11.39 -10.76 19.95
N TYR A 226 10.57 -9.88 19.41
CA TYR A 226 10.97 -8.48 19.38
C TYR A 226 9.74 -7.63 19.48
N GLN A 227 9.77 -6.68 20.41
CA GLN A 227 8.71 -5.69 20.47
C GLN A 227 8.62 -4.99 19.12
N ILE A 228 7.41 -4.55 18.79
CA ILE A 228 7.19 -3.89 17.50
C ILE A 228 8.09 -2.67 17.36
N SER A 229 8.33 -1.94 18.47
CA SER A 229 9.18 -0.76 18.40
C SER A 229 10.60 -1.13 18.05
N GLN A 230 11.04 -2.30 18.48
CA GLN A 230 12.36 -2.75 18.10
C GLN A 230 12.42 -3.03 16.60
N ILE A 231 11.43 -3.74 16.05
CA ILE A 231 11.39 -4.01 14.61
C ILE A 231 11.37 -2.71 13.83
N SER A 232 10.51 -1.76 14.22
CA SER A 232 10.51 -0.46 13.54
C SER A 232 11.90 0.15 13.58
N ASN A 233 12.53 0.17 14.76
CA ASN A 233 13.81 0.85 14.91
C ASN A 233 14.87 0.16 14.07
N MET A 234 14.73 -1.17 13.96
CA MET A 234 15.69 -2.05 13.30
C MET A 234 15.67 -1.87 11.79
N ILE A 235 14.46 -1.72 11.23
CA ILE A 235 14.35 -1.50 9.78
C ILE A 235 14.54 -0.04 9.38
N GLY A 236 14.48 0.91 10.32
CA GLY A 236 14.83 2.29 10.00
C GLY A 236 13.66 3.27 9.96
N ILE A 237 12.68 3.02 10.80
CA ILE A 237 11.41 3.68 10.74
C ILE A 237 11.18 4.27 12.12
N SER A 238 10.99 5.59 12.17
CA SER A 238 10.96 6.36 13.41
C SER A 238 9.96 5.78 14.40
N SER A 239 8.71 5.81 14.00
CA SER A 239 7.60 5.48 14.86
C SER A 239 7.19 4.03 14.74
N ALA A 240 6.75 3.47 15.87
CA ALA A 240 6.13 2.15 15.84
C ALA A 240 4.69 2.23 15.34
N SER A 241 3.94 3.30 15.68
CA SER A 241 2.59 3.44 15.11
C SER A 241 2.68 3.74 13.63
N TYR A 242 3.63 4.57 13.22
CA TYR A 242 3.88 4.77 11.80
C TYR A 242 4.24 3.48 11.09
N PHE A 243 5.09 2.68 11.71
CA PHE A 243 5.43 1.41 11.09
C PHE A 243 4.21 0.54 10.95
N ILE A 244 3.33 0.52 11.96
CA ILE A 244 2.12 -0.30 11.82
C ILE A 244 1.27 0.20 10.65
N ARG A 245 1.20 1.52 10.47
CA ARG A 245 0.46 2.06 9.33
C ARG A 245 1.07 1.60 8.03
N ILE A 246 2.39 1.71 7.90
CA ILE A 246 3.04 1.34 6.65
C ILE A 246 2.80 -0.13 6.38
N PHE A 247 2.96 -0.97 7.39
CA PHE A 247 2.78 -2.40 7.21
C PHE A 247 1.39 -2.73 6.72
N ASN A 248 0.35 -2.19 7.37
CA ASN A 248 -1.03 -2.43 6.96
C ASN A 248 -1.27 -1.96 5.51
N LYS A 249 -0.78 -0.76 5.16
CA LYS A 249 -0.92 -0.27 3.80
C LYS A 249 -0.28 -1.18 2.80
N HIS A 250 0.92 -1.69 3.10
CA HIS A 250 1.64 -2.51 2.13
C HIS A 250 1.03 -3.89 2.04
N TYR A 251 1.10 -4.64 3.14
CA TYR A 251 0.75 -6.06 3.07
C TYR A 251 -0.74 -6.29 3.01
N GLY A 252 -1.54 -5.32 3.41
CA GLY A 252 -2.97 -5.56 3.45
C GLY A 252 -3.46 -6.23 4.70
N VAL A 253 -2.60 -6.35 5.72
CA VAL A 253 -2.97 -6.74 7.08
C VAL A 253 -2.12 -5.97 8.11
N THR A 254 -2.60 -5.93 9.28
CA THR A 254 -1.82 -5.24 10.31
C THR A 254 -0.82 -6.22 10.88
N PRO A 255 0.36 -5.77 11.38
CA PRO A 255 1.33 -6.76 11.91
C PRO A 255 0.70 -7.74 12.87
N LYS A 256 -0.25 -7.29 13.69
CA LYS A 256 -0.92 -8.17 14.64
C LYS A 256 -1.71 -9.26 13.92
N GLN A 257 -2.42 -8.93 12.84
CA GLN A 257 -3.23 -9.93 12.15
C GLN A 257 -2.34 -10.92 11.43
N PHE A 258 -1.29 -10.42 10.80
CA PHE A 258 -0.28 -11.25 10.16
C PHE A 258 0.30 -12.25 11.15
N PHE A 259 0.83 -11.75 12.28
CA PHE A 259 1.42 -12.61 13.31
C PHE A 259 0.42 -13.64 13.81
N THR A 260 -0.82 -13.21 14.11
CA THR A 260 -1.76 -14.15 14.69
C THR A 260 -2.18 -15.21 13.69
N TYR A 261 -2.18 -14.87 12.39
CA TYR A 261 -2.46 -15.86 11.38
C TYR A 261 -1.33 -16.87 11.24
N PHE A 262 -0.08 -16.42 11.33
CA PHE A 262 1.01 -17.35 11.03
C PHE A 262 1.55 -18.10 12.26
N LYS A 263 1.24 -17.68 13.48
CA LYS A 263 1.70 -18.37 14.70
C LYS A 263 0.98 -19.70 15.00
N LYS B 9 0.99 20.77 -20.83
CA LYS B 9 0.07 21.68 -20.14
C LYS B 9 0.23 21.59 -18.62
N GLU B 10 0.38 22.73 -17.95
CA GLU B 10 0.51 22.75 -16.50
C GLU B 10 -0.84 22.89 -15.83
N THR B 11 -1.90 22.67 -16.57
CA THR B 11 -3.25 22.75 -16.06
C THR B 11 -3.88 21.37 -16.08
N ILE B 12 -4.71 21.07 -15.09
CA ILE B 12 -5.32 19.74 -15.01
C ILE B 12 -6.73 19.91 -14.43
N LYS B 13 -7.69 19.12 -14.95
CA LYS B 13 -9.04 19.10 -14.43
C LYS B 13 -9.29 17.70 -13.87
N ILE B 14 -9.69 17.61 -12.61
CA ILE B 14 -9.89 16.33 -11.95
C ILE B 14 -11.30 16.29 -11.39
N ASN B 15 -12.01 15.20 -11.68
CA ASN B 15 -13.44 15.10 -11.46
C ASN B 15 -13.72 14.12 -10.32
N ASN B 16 -14.83 14.35 -9.62
CA ASN B 16 -15.41 13.38 -8.70
C ASN B 16 -14.52 13.15 -7.51
N ILE B 17 -13.73 14.14 -7.13
CA ILE B 17 -12.89 14.03 -5.94
C ILE B 17 -13.77 14.09 -4.71
N MET B 18 -13.68 13.05 -3.89
CA MET B 18 -14.50 13.00 -2.70
C MET B 18 -13.53 12.94 -1.52
N ILE B 19 -13.66 13.89 -0.61
CA ILE B 19 -12.67 14.11 0.41
C ILE B 19 -13.08 13.25 1.59
N HIS B 20 -12.25 12.24 1.89
CA HIS B 20 -12.54 11.19 2.86
C HIS B 20 -12.08 11.50 4.25
N LYS B 21 -11.31 12.58 4.43
CA LYS B 21 -10.77 13.07 5.69
C LYS B 21 -10.74 14.59 5.63
N TYR B 22 -11.17 15.25 6.70
CA TYR B 22 -11.09 16.72 6.75
C TYR B 22 -9.74 17.20 6.25
N THR B 23 -9.72 18.12 5.28
CA THR B 23 -8.44 18.42 4.65
C THR B 23 -8.13 19.91 4.64
N VAL B 24 -6.92 20.25 5.04
CA VAL B 24 -6.42 21.62 5.01
C VAL B 24 -5.32 21.67 3.96
N LEU B 25 -5.51 22.51 2.96
CA LEU B 25 -4.67 22.56 1.78
C LEU B 25 -4.01 23.93 1.70
N TYR B 26 -2.78 24.00 1.21
CA TYR B 26 -2.06 25.26 1.08
C TYR B 26 -1.52 25.31 -0.34
N THR B 27 -2.02 26.26 -1.13
CA THR B 27 -1.65 26.34 -2.53
C THR B 27 -0.19 26.80 -2.70
N SER B 28 0.75 25.85 -2.54
CA SER B 28 2.17 26.20 -2.49
C SER B 28 2.65 26.85 -3.79
N ASN B 29 2.23 26.30 -4.93
CA ASN B 29 2.32 27.05 -6.18
C ASN B 29 1.27 26.46 -7.13
N CYS B 30 0.01 26.78 -6.87
CA CYS B 30 -1.03 26.52 -7.86
C CYS B 30 -2.20 27.43 -7.54
N ILE B 31 -3.06 27.54 -8.52
CA ILE B 31 -4.28 28.32 -8.44
C ILE B 31 -5.40 27.35 -8.81
N MET B 32 -6.55 27.47 -8.17
CA MET B 32 -7.50 26.38 -8.32
C MET B 32 -8.95 26.84 -8.26
N ASP B 33 -9.75 26.36 -9.19
CA ASP B 33 -11.20 26.59 -9.18
C ASP B 33 -11.86 25.31 -8.70
N ILE B 34 -12.75 25.43 -7.73
CA ILE B 34 -13.42 24.31 -7.10
C ILE B 34 -14.89 24.36 -7.46
N TYR B 35 -15.34 23.43 -8.25
CA TYR B 35 -16.70 23.42 -8.69
C TYR B 35 -17.70 22.80 -7.78
N SER B 36 -17.62 21.49 -7.61
CA SER B 36 -18.59 20.78 -6.81
C SER B 36 -20.01 21.07 -7.27
N GLU B 37 -20.90 21.36 -6.33
CA GLU B 37 -22.30 21.62 -6.65
C GLU B 37 -22.64 22.87 -7.46
N GLU B 38 -22.69 22.69 -8.77
CA GLU B 38 -23.06 23.77 -9.68
C GLU B 38 -22.69 25.11 -9.11
N GLU B 39 -21.52 25.15 -8.48
CA GLU B 39 -21.01 26.38 -7.87
C GLU B 39 -19.56 26.57 -8.30
N LYS B 40 -18.80 27.36 -7.56
CA LYS B 40 -17.41 27.57 -7.94
C LYS B 40 -16.75 28.48 -6.92
N ILE B 41 -15.52 28.14 -6.56
CA ILE B 41 -14.71 28.90 -5.62
C ILE B 41 -13.33 29.02 -6.23
N THR B 42 -12.75 30.20 -6.17
CA THR B 42 -11.37 30.35 -6.59
C THR B 42 -10.44 30.47 -5.39
N CYS B 43 -9.31 29.78 -5.46
CA CYS B 43 -8.28 29.78 -4.43
C CYS B 43 -7.01 30.31 -5.08
N PHE B 44 -6.59 31.50 -4.64
CA PHE B 44 -5.53 32.23 -5.33
C PHE B 44 -4.15 31.76 -4.90
N SER B 45 -3.15 32.59 -5.21
CA SER B 45 -1.76 32.16 -5.20
C SER B 45 -1.43 31.51 -3.85
N ASN B 46 -1.50 32.28 -2.78
CA ASN B 46 -1.01 31.87 -1.46
C ASN B 46 -2.12 31.92 -0.40
N ARG B 47 -2.98 30.92 -0.41
CA ARG B 47 -4.11 30.91 0.48
C ARG B 47 -4.13 29.56 1.19
N LEU B 48 -5.09 29.41 2.09
CA LEU B 48 -5.33 28.18 2.84
C LEU B 48 -6.73 27.73 2.46
N VAL B 49 -6.93 26.42 2.29
CA VAL B 49 -8.23 25.90 1.89
C VAL B 49 -8.66 24.87 2.92
N PHE B 50 -9.84 25.05 3.50
CA PHE B 50 -10.35 24.13 4.52
C PHE B 50 -11.54 23.44 3.90
N LEU B 51 -11.40 22.13 3.67
CA LEU B 51 -12.33 21.32 2.90
C LEU B 51 -13.04 20.38 3.85
N GLU B 52 -14.36 20.55 3.92
CA GLU B 52 -15.18 19.74 4.80
C GLU B 52 -15.18 18.30 4.31
N ARG B 53 -15.14 17.40 5.26
CA ARG B 53 -15.16 15.99 4.92
C ARG B 53 -16.52 15.63 4.34
N GLY B 54 -16.49 14.80 3.29
CA GLY B 54 -17.69 14.29 2.68
C GLY B 54 -18.12 15.06 1.45
N VAL B 55 -17.50 16.22 1.16
CA VAL B 55 -17.87 16.93 -0.04
C VAL B 55 -17.43 16.13 -1.24
N ASN B 56 -18.09 16.38 -2.35
CA ASN B 56 -17.69 15.81 -3.62
C ASN B 56 -17.51 16.99 -4.57
N ILE B 57 -16.31 17.15 -5.12
CA ILE B 57 -15.94 18.36 -5.84
C ILE B 57 -15.17 18.00 -7.10
N SER B 58 -15.03 18.97 -7.99
CA SER B 58 -14.17 18.85 -9.15
C SER B 58 -13.25 20.05 -9.13
N VAL B 59 -12.10 19.95 -9.76
CA VAL B 59 -11.02 20.91 -9.55
C VAL B 59 -10.40 21.24 -10.91
N ARG B 60 -10.17 22.53 -11.16
CA ARG B 60 -9.38 22.96 -12.31
C ARG B 60 -8.17 23.68 -11.74
N MET B 61 -6.98 23.30 -12.20
CA MET B 61 -5.80 23.67 -11.45
C MET B 61 -4.68 24.12 -12.35
N GLN B 62 -4.02 25.17 -11.92
CA GLN B 62 -2.97 25.85 -12.64
C GLN B 62 -1.70 25.75 -11.83
N LYS B 63 -0.64 25.20 -12.40
CA LYS B 63 0.60 25.29 -11.68
C LYS B 63 1.18 26.70 -11.81
N GLN B 64 1.95 27.10 -10.81
CA GLN B 64 2.84 28.24 -10.99
C GLN B 64 4.14 27.69 -11.59
N ILE B 65 4.98 27.09 -10.77
CA ILE B 65 6.22 26.50 -11.24
C ILE B 65 5.96 25.10 -11.74
N LEU B 66 6.44 24.76 -12.93
CA LEU B 66 6.15 23.45 -13.52
C LEU B 66 6.93 22.29 -12.90
N SER B 67 8.16 22.58 -12.50
CA SER B 67 9.07 21.60 -11.91
C SER B 67 8.76 21.28 -10.46
N GLU B 68 7.62 21.71 -9.91
CA GLU B 68 7.33 21.54 -8.49
C GLU B 68 5.95 20.92 -8.30
N LYS B 69 5.62 20.66 -7.04
CA LYS B 69 4.35 20.04 -6.68
C LYS B 69 3.28 21.11 -6.69
N PRO B 70 2.01 20.72 -6.88
CA PRO B 70 0.92 21.73 -7.00
C PRO B 70 0.63 22.48 -5.69
N TYR B 71 0.52 21.75 -4.58
CA TYR B 71 0.07 22.30 -3.32
C TYR B 71 0.65 21.44 -2.21
N VAL B 72 0.29 21.75 -0.96
CA VAL B 72 0.69 20.97 0.20
C VAL B 72 -0.55 20.72 1.05
N ALA B 73 -0.77 19.46 1.46
CA ALA B 73 -2.05 19.12 2.04
C ALA B 73 -1.88 18.36 3.35
N PHE B 74 -2.76 18.65 4.32
CA PHE B 74 -2.81 17.98 5.62
C PHE B 74 -4.20 17.34 5.70
N ARG B 75 -4.27 16.07 6.11
CA ARG B 75 -5.54 15.37 6.21
C ARG B 75 -5.68 14.78 7.61
N LEU B 76 -6.84 14.98 8.24
CA LEU B 76 -7.06 14.65 9.64
C LEU B 76 -7.80 13.33 9.69
N ASN B 77 -7.19 12.32 10.31
CA ASN B 77 -7.87 11.05 10.34
C ASN B 77 -8.99 11.08 11.37
N GLY B 78 -9.67 9.97 11.55
CA GLY B 78 -10.94 10.03 12.26
C GLY B 78 -10.77 10.46 13.70
N ASP B 79 -9.81 9.85 14.39
CA ASP B 79 -9.51 10.19 15.78
C ASP B 79 -9.16 11.67 15.94
N MET B 80 -8.10 12.13 15.24
CA MET B 80 -7.65 13.51 15.36
C MET B 80 -8.80 14.49 15.24
N LEU B 81 -9.68 14.27 14.26
CA LEU B 81 -10.83 15.14 14.03
C LEU B 81 -11.85 15.01 15.15
N ARG B 82 -12.04 13.81 15.71
CA ARG B 82 -12.92 13.73 16.87
C ARG B 82 -12.37 14.61 17.99
N HIS B 83 -11.06 14.52 18.21
CA HIS B 83 -10.41 15.33 19.23
C HIS B 83 -10.55 16.82 18.97
N LEU B 84 -10.35 17.25 17.74
CA LEU B 84 -10.49 18.66 17.43
C LEU B 84 -11.91 19.13 17.66
N LYS B 85 -12.90 18.28 17.34
CA LYS B 85 -14.29 18.63 17.64
C LYS B 85 -14.50 18.82 19.13
N ASP B 86 -14.06 17.86 19.94
CA ASP B 86 -14.22 17.98 21.39
C ASP B 86 -13.57 19.25 21.92
N ALA B 87 -12.27 19.41 21.68
CA ALA B 87 -11.57 20.61 22.12
C ALA B 87 -12.23 21.88 21.58
N LEU B 88 -12.83 21.85 20.39
CA LEU B 88 -13.48 23.06 19.89
C LEU B 88 -14.79 23.34 20.61
N MET B 89 -15.51 22.30 20.99
CA MET B 89 -16.73 22.53 21.72
C MET B 89 -16.46 22.83 23.19
N ILE B 90 -15.22 22.65 23.66
CA ILE B 90 -14.83 23.16 24.99
C ILE B 90 -14.33 24.59 24.94
N ILE B 91 -13.56 24.92 23.91
CA ILE B 91 -12.97 26.25 23.81
C ILE B 91 -13.98 27.30 23.35
N TYR B 92 -14.97 26.96 22.53
CA TYR B 92 -15.94 27.96 22.11
C TYR B 92 -17.35 27.72 22.63
N GLY B 93 -17.60 26.61 23.31
CA GLY B 93 -18.94 26.18 23.68
C GLY B 93 -19.47 25.12 22.72
N MET B 94 -20.56 24.49 23.14
CA MET B 94 -21.19 23.45 22.36
C MET B 94 -22.47 23.87 21.68
N SER B 95 -22.71 23.33 20.51
CA SER B 95 -23.98 23.60 19.79
C SER B 95 -24.20 22.79 18.52
N ARG B 103 -27.16 23.82 4.96
CA ARG B 103 -26.53 23.23 3.78
C ARG B 103 -26.12 24.31 2.79
N SER B 104 -24.83 24.63 2.78
CA SER B 104 -24.30 25.65 1.87
C SER B 104 -22.83 25.38 1.56
N MET B 105 -22.55 25.02 0.31
CA MET B 105 -21.19 24.72 -0.12
C MET B 105 -20.20 25.84 0.23
N SER B 106 -20.68 27.05 0.55
CA SER B 106 -19.79 28.08 1.08
C SER B 106 -19.57 27.91 2.58
N ARG B 107 -20.40 27.11 3.26
CA ARG B 107 -20.15 26.63 4.62
C ARG B 107 -19.44 25.28 4.63
N LYS B 108 -18.98 24.79 3.47
CA LYS B 108 -18.30 23.51 3.30
C LYS B 108 -16.87 23.66 2.83
N ILE B 109 -16.54 24.72 2.12
CA ILE B 109 -15.19 24.89 1.58
C ILE B 109 -14.80 26.34 1.76
N MET B 110 -13.73 26.60 2.49
CA MET B 110 -13.41 27.97 2.85
C MET B 110 -11.94 28.30 2.59
N THR B 111 -11.71 29.42 1.92
CA THR B 111 -10.37 29.90 1.65
C THR B 111 -10.04 31.10 2.55
N THR B 112 -8.79 31.18 2.96
CA THR B 112 -8.33 32.27 3.80
C THR B 112 -6.96 32.75 3.36
N GLU B 113 -6.62 33.93 3.84
CA GLU B 113 -5.39 34.64 3.55
C GLU B 113 -4.46 34.33 4.72
N VAL B 114 -3.33 33.68 4.45
CA VAL B 114 -2.48 33.22 5.53
C VAL B 114 -1.50 34.34 5.89
N ASN B 115 -1.62 34.82 7.14
CA ASN B 115 -0.91 35.97 7.67
C ASN B 115 0.53 35.59 8.01
N LYS B 116 1.31 36.60 8.43
CA LYS B 116 2.70 36.41 8.82
C LYS B 116 2.81 35.37 9.93
N THR B 117 2.17 35.66 11.07
CA THR B 117 2.32 34.80 12.25
C THR B 117 1.73 33.43 11.99
N LEU B 118 0.56 33.36 11.35
CA LEU B 118 -0.08 32.09 11.02
C LEU B 118 0.76 31.28 10.03
N LEU B 119 1.44 31.96 9.11
CA LEU B 119 2.32 31.29 8.15
C LEU B 119 3.54 30.69 8.83
N ASP B 120 4.27 31.51 9.58
CA ASP B 120 5.43 31.00 10.31
C ASP B 120 5.03 29.85 11.22
N GLU B 121 3.84 29.92 11.81
CA GLU B 121 3.32 28.78 12.55
C GLU B 121 3.22 27.56 11.64
N LEU B 122 2.66 27.74 10.44
CA LEU B 122 2.54 26.63 9.51
C LEU B 122 3.90 26.05 9.17
N LYS B 123 4.94 26.88 9.22
CA LYS B 123 6.31 26.44 8.94
C LYS B 123 6.73 25.32 9.89
N ASN B 124 6.90 25.64 11.19
CA ASN B 124 7.33 24.69 12.22
C ASN B 124 6.18 23.78 12.71
N ILE B 125 5.37 23.27 11.78
CA ILE B 125 4.39 22.23 12.06
C ILE B 125 5.02 20.90 11.71
N ASN B 126 5.31 20.10 12.74
CA ASN B 126 5.92 18.80 12.59
C ASN B 126 4.84 17.77 12.95
N SER B 127 4.28 17.09 11.95
CA SER B 127 3.14 16.20 12.22
C SER B 127 3.62 14.89 12.82
N HIS B 128 4.33 15.01 13.93
CA HIS B 128 4.81 13.85 14.67
C HIS B 128 4.22 13.81 16.07
N ASP B 129 4.33 14.91 16.81
CA ASP B 129 3.65 15.15 18.07
C ASP B 129 2.20 15.48 17.71
N ASN B 130 1.31 14.49 17.77
CA ASN B 130 -0.07 14.72 17.34
C ASN B 130 -0.73 15.82 18.17
N SER B 131 -0.49 15.81 19.49
CA SER B 131 -0.98 16.91 20.34
C SER B 131 -0.43 18.26 19.89
N ALA B 132 0.85 18.32 19.49
CA ALA B 132 1.35 19.58 18.95
C ALA B 132 0.59 19.99 17.70
N PHE B 133 0.16 19.02 16.89
CA PHE B 133 -0.61 19.34 15.69
C PHE B 133 -2.01 19.84 16.04
N ILE B 134 -2.70 19.14 16.96
CA ILE B 134 -4.03 19.59 17.38
C ILE B 134 -3.95 21.01 17.95
N SER B 135 -2.92 21.29 18.76
CA SER B 135 -2.74 22.63 19.31
C SER B 135 -2.45 23.65 18.22
N SER B 136 -1.53 23.35 17.29
CA SER B 136 -1.23 24.27 16.20
C SER B 136 -2.49 24.59 15.44
N LEU B 137 -3.31 23.58 15.24
CA LEU B 137 -4.54 23.76 14.52
C LEU B 137 -5.51 24.62 15.31
N ILE B 138 -5.60 24.41 16.62
CA ILE B 138 -6.52 25.21 17.43
C ILE B 138 -6.09 26.66 17.47
N TYR B 139 -4.81 26.92 17.68
CA TYR B 139 -4.35 28.30 17.68
C TYR B 139 -4.66 28.96 16.36
N LEU B 140 -4.38 28.26 15.25
CA LEU B 140 -4.69 28.81 13.94
C LEU B 140 -6.18 29.14 13.84
N ILE B 141 -7.04 28.21 14.22
CA ILE B 141 -8.48 28.44 14.18
C ILE B 141 -8.86 29.68 14.97
N SER B 142 -8.24 29.86 16.14
CA SER B 142 -8.51 31.03 16.96
C SER B 142 -8.11 32.32 16.27
N LYS B 143 -7.10 32.28 15.38
CA LYS B 143 -6.60 33.51 14.76
C LYS B 143 -7.17 33.76 13.35
N LEU B 144 -8.39 33.29 13.07
CA LEU B 144 -9.10 33.49 11.79
C LEU B 144 -10.39 34.27 11.97
N GLU B 145 -10.62 35.25 11.09
CA GLU B 145 -11.84 36.06 11.14
C GLU B 145 -12.97 35.46 10.34
N ASN B 146 -14.19 35.62 10.88
CA ASN B 146 -15.39 34.93 10.40
C ASN B 146 -15.21 33.43 10.55
N ASN B 147 -14.56 33.04 11.65
CA ASN B 147 -14.12 31.66 11.84
C ASN B 147 -15.23 30.71 12.24
N GLU B 148 -16.41 31.20 12.61
CA GLU B 148 -17.50 30.30 12.93
C GLU B 148 -17.71 29.28 11.80
N LYS B 149 -17.75 29.74 10.54
CA LYS B 149 -18.01 28.84 9.42
C LYS B 149 -17.01 27.70 9.31
N ILE B 150 -15.82 27.84 9.90
CA ILE B 150 -14.90 26.71 9.92
C ILE B 150 -15.23 25.77 11.08
N ILE B 151 -15.45 26.34 12.28
CA ILE B 151 -15.84 25.53 13.45
C ILE B 151 -17.00 24.61 13.07
N GLU B 152 -18.01 25.19 12.44
CA GLU B 152 -19.16 24.48 11.92
C GLU B 152 -18.73 23.28 11.10
N SER B 153 -17.94 23.51 10.03
CA SER B 153 -17.61 22.40 9.15
C SER B 153 -16.80 21.32 9.86
N ILE B 154 -16.12 21.66 10.97
CA ILE B 154 -15.37 20.60 11.63
C ILE B 154 -16.25 19.71 12.47
N TYR B 155 -17.31 20.27 13.09
CA TYR B 155 -18.25 19.41 13.83
C TYR B 155 -19.16 18.63 12.89
N ILE B 156 -19.69 19.27 11.83
CA ILE B 156 -20.51 18.55 10.85
C ILE B 156 -19.78 17.34 10.33
N SER B 157 -18.53 17.53 9.90
CA SER B 157 -17.84 16.41 9.29
C SER B 157 -17.20 15.52 10.31
N SER B 158 -17.57 15.65 11.58
CA SER B 158 -16.96 14.87 12.65
C SER B 158 -17.90 13.82 13.20
N VAL B 159 -19.12 13.74 12.68
CA VAL B 159 -20.08 12.72 13.08
C VAL B 159 -20.04 11.55 12.09
N SER B 160 -20.32 10.36 12.61
CA SER B 160 -20.30 9.12 11.84
C SER B 160 -21.69 8.88 11.27
N PHE B 161 -21.77 8.78 9.94
CA PHE B 161 -22.99 8.51 9.20
C PHE B 161 -23.08 7.01 8.91
N PHE B 162 -24.21 6.60 8.33
CA PHE B 162 -24.35 5.20 7.92
C PHE B 162 -23.45 4.88 6.73
N SER B 163 -23.31 5.84 5.80
CA SER B 163 -22.32 5.66 4.73
C SER B 163 -20.94 5.42 5.32
N ASP B 164 -20.68 5.97 6.52
CA ASP B 164 -19.41 5.77 7.21
C ASP B 164 -19.29 4.36 7.76
N LYS B 165 -20.35 3.82 8.38
CA LYS B 165 -20.30 2.43 8.78
C LYS B 165 -20.03 1.52 7.58
N VAL B 166 -20.73 1.79 6.46
CA VAL B 166 -20.48 1.02 5.25
C VAL B 166 -19.05 1.19 4.78
N ARG B 167 -18.54 2.42 4.82
CA ARG B 167 -17.19 2.68 4.36
C ARG B 167 -16.17 1.87 5.15
N ASN B 168 -16.34 1.82 6.47
CA ASN B 168 -15.35 1.11 7.27
C ASN B 168 -15.44 -0.40 7.04
N LEU B 169 -16.66 -0.93 6.99
CA LEU B 169 -16.82 -2.36 6.73
C LEU B 169 -16.20 -2.75 5.40
N ILE B 170 -16.25 -1.86 4.40
CA ILE B 170 -15.63 -2.14 3.10
C ILE B 170 -14.11 -2.07 3.21
N GLU B 171 -13.61 -1.12 4.02
CA GLU B 171 -12.17 -0.94 4.10
C GLU B 171 -11.48 -2.09 4.81
N LYS B 172 -12.24 -2.86 5.61
CA LYS B 172 -11.66 -4.02 6.31
C LYS B 172 -11.04 -5.04 5.35
N ASP B 173 -11.44 -4.99 4.07
CA ASP B 173 -10.93 -5.89 3.02
C ASP B 173 -11.35 -5.22 1.70
N LEU B 174 -10.51 -4.31 1.22
CA LEU B 174 -10.95 -3.53 0.06
C LEU B 174 -11.14 -4.40 -1.17
N SER B 175 -10.38 -5.50 -1.30
CA SER B 175 -10.39 -6.25 -2.56
C SER B 175 -11.49 -7.32 -2.64
N ARG B 176 -12.20 -7.62 -1.56
CA ARG B 176 -13.27 -8.60 -1.67
C ARG B 176 -14.26 -8.12 -2.71
N LYS B 177 -15.12 -9.02 -3.16
CA LYS B 177 -16.10 -8.69 -4.18
C LYS B 177 -17.41 -8.38 -3.45
N TRP B 178 -17.64 -7.09 -3.15
CA TRP B 178 -18.78 -6.69 -2.34
C TRP B 178 -20.04 -6.54 -3.19
N THR B 179 -21.18 -6.86 -2.58
CA THR B 179 -22.48 -6.63 -3.19
C THR B 179 -23.37 -5.92 -2.17
N LEU B 180 -24.47 -5.34 -2.64
CA LEU B 180 -25.46 -4.84 -1.70
C LEU B 180 -25.95 -5.96 -0.80
N GLY B 181 -25.85 -7.21 -1.28
CA GLY B 181 -26.25 -8.35 -0.48
C GLY B 181 -25.37 -8.61 0.73
N ILE B 182 -24.05 -8.47 0.57
CA ILE B 182 -23.13 -8.66 1.70
C ILE B 182 -23.31 -7.56 2.74
N ILE B 183 -23.44 -6.30 2.31
CA ILE B 183 -23.66 -5.23 3.29
C ILE B 183 -25.02 -5.44 3.97
N ALA B 184 -26.04 -5.78 3.18
CA ALA B 184 -27.35 -5.98 3.77
C ALA B 184 -27.40 -7.21 4.65
N ASP B 185 -26.42 -8.13 4.53
CA ASP B 185 -26.33 -9.22 5.50
C ASP B 185 -25.58 -8.77 6.75
N ALA B 186 -24.50 -8.02 6.55
CA ALA B 186 -23.75 -7.47 7.66
C ALA B 186 -24.65 -6.70 8.59
N PHE B 187 -25.33 -5.70 8.06
CA PHE B 187 -26.32 -4.96 8.81
C PHE B 187 -27.64 -5.71 8.77
N ASN B 188 -28.27 -5.86 9.93
CA ASN B 188 -29.48 -6.69 10.03
C ASN B 188 -30.68 -5.87 9.53
N ALA B 189 -30.75 -5.76 8.21
CA ALA B 189 -31.88 -5.19 7.49
C ALA B 189 -31.80 -5.66 6.04
N SER B 190 -32.74 -5.21 5.22
CA SER B 190 -32.87 -5.60 3.81
C SER B 190 -32.21 -4.59 2.88
N GLU B 191 -31.96 -5.02 1.64
CA GLU B 191 -31.28 -4.15 0.69
C GLU B 191 -31.97 -2.80 0.52
N ILE B 192 -33.30 -2.74 0.64
CA ILE B 192 -33.99 -1.44 0.56
C ILE B 192 -33.56 -0.53 1.69
N THR B 193 -33.49 -1.08 2.91
CA THR B 193 -33.06 -0.28 4.04
C THR B 193 -31.75 0.43 3.72
N ILE B 194 -30.81 -0.30 3.11
CA ILE B 194 -29.48 0.24 2.90
C ILE B 194 -29.44 1.19 1.69
N ARG B 195 -30.18 0.86 0.62
CA ARG B 195 -30.15 1.72 -0.55
C ARG B 195 -30.83 3.06 -0.26
N LYS B 196 -31.89 3.07 0.55
CA LYS B 196 -32.50 4.36 0.88
C LYS B 196 -31.82 5.14 1.99
N ARG B 197 -31.23 4.48 3.00
CA ARG B 197 -30.42 5.24 3.95
C ARG B 197 -29.24 5.89 3.22
N LEU B 198 -28.55 5.11 2.37
CA LEU B 198 -27.45 5.67 1.59
C LEU B 198 -27.93 6.71 0.57
N GLU B 199 -29.14 6.55 0.07
CA GLU B 199 -29.72 7.54 -0.83
C GLU B 199 -30.08 8.84 -0.10
N SER B 200 -30.55 8.73 1.14
CA SER B 200 -30.78 9.90 2.00
C SER B 200 -29.50 10.59 2.39
N GLU B 201 -28.35 9.95 2.18
CA GLU B 201 -27.06 10.59 2.35
C GLU B 201 -26.47 11.07 1.02
N ASN B 202 -27.28 11.09 -0.04
CA ASN B 202 -26.88 11.59 -1.37
C ASN B 202 -25.69 10.81 -1.90
N THR B 203 -25.79 9.49 -1.80
CA THR B 203 -24.78 8.58 -2.32
C THR B 203 -25.44 7.22 -2.46
N ASN B 204 -24.70 6.27 -2.99
CA ASN B 204 -25.16 4.89 -3.07
C ASN B 204 -23.93 4.03 -3.01
N PHE B 205 -24.15 2.72 -2.93
CA PHE B 205 -23.08 1.81 -2.56
C PHE B 205 -22.04 1.59 -3.66
N ASN B 206 -22.47 1.51 -4.92
CA ASN B 206 -21.49 1.31 -5.98
C ASN B 206 -20.56 2.50 -6.03
N GLN B 207 -21.09 3.71 -5.78
CA GLN B 207 -20.27 4.92 -5.69
C GLN B 207 -19.33 4.92 -4.46
N ILE B 208 -19.81 4.48 -3.29
CA ILE B 208 -18.95 4.43 -2.10
C ILE B 208 -17.75 3.53 -2.38
N LEU B 209 -18.00 2.31 -2.89
CA LEU B 209 -16.95 1.39 -3.29
C LEU B 209 -16.03 2.02 -4.33
N MET B 210 -16.60 2.66 -5.35
CA MET B 210 -15.77 3.30 -6.37
C MET B 210 -14.88 4.40 -5.80
N GLN B 211 -15.43 5.23 -4.91
CA GLN B 211 -14.66 6.32 -4.28
C GLN B 211 -13.56 5.79 -3.36
N LEU B 212 -13.85 4.70 -2.66
CA LEU B 212 -12.87 4.08 -1.79
C LEU B 212 -11.66 3.54 -2.58
N ARG B 213 -11.92 2.84 -3.68
CA ARG B 213 -10.85 2.28 -4.51
C ARG B 213 -10.06 3.39 -5.23
N MET B 214 -10.75 4.44 -5.69
CA MET B 214 -10.08 5.43 -6.52
C MET B 214 -9.23 6.40 -5.70
N SER B 215 -9.67 6.75 -4.48
CA SER B 215 -8.82 7.52 -3.58
C SER B 215 -7.58 6.73 -3.16
N LYS B 216 -7.79 5.46 -2.74
CA LYS B 216 -6.67 4.62 -2.33
C LYS B 216 -5.66 4.50 -3.46
N ALA B 217 -6.16 4.41 -4.70
CA ALA B 217 -5.30 4.33 -5.87
C ALA B 217 -4.55 5.62 -6.13
N ALA B 218 -5.22 6.76 -5.99
CA ALA B 218 -4.54 8.03 -6.26
C ALA B 218 -3.38 8.22 -5.30
N LEU B 219 -3.66 8.04 -4.00
CA LEU B 219 -2.63 8.22 -2.98
C LEU B 219 -1.47 7.28 -3.22
N LEU B 220 -1.77 5.98 -3.47
CA LEU B 220 -0.71 5.00 -3.70
C LEU B 220 0.11 5.36 -4.92
N LEU B 221 -0.54 5.89 -5.97
CA LEU B 221 0.18 6.31 -7.18
C LEU B 221 1.12 7.46 -6.87
N LEU B 222 0.76 8.30 -5.89
CA LEU B 222 1.64 9.38 -5.45
C LEU B 222 2.78 8.91 -4.54
N GLU B 223 2.67 7.71 -3.96
CA GLU B 223 3.77 7.15 -3.18
C GLU B 223 4.96 6.79 -4.05
N ASN B 224 4.77 6.57 -5.36
CA ASN B 224 5.86 6.34 -6.30
C ASN B 224 6.71 5.13 -5.92
N SER B 225 6.07 4.06 -5.49
CA SER B 225 6.82 2.85 -5.15
C SER B 225 5.92 1.64 -5.28
N TYR B 226 5.01 1.68 -6.25
CA TYR B 226 4.15 0.55 -6.58
C TYR B 226 3.87 0.56 -8.07
N GLN B 227 4.03 -0.59 -8.71
CA GLN B 227 3.53 -0.79 -10.06
C GLN B 227 2.01 -0.67 -10.13
N ILE B 228 1.53 -0.27 -11.30
CA ILE B 228 0.09 -0.11 -11.44
C ILE B 228 -0.60 -1.45 -11.17
N SER B 229 -0.02 -2.55 -11.62
CA SER B 229 -0.72 -3.82 -11.44
C SER B 229 -0.89 -4.14 -9.96
N GLN B 230 0.09 -3.74 -9.15
CA GLN B 230 -0.01 -3.97 -7.73
C GLN B 230 -1.14 -3.14 -7.14
N ILE B 231 -1.22 -1.85 -7.51
CA ILE B 231 -2.29 -0.97 -7.03
C ILE B 231 -3.66 -1.51 -7.45
N SER B 232 -3.76 -2.00 -8.69
CA SER B 232 -4.99 -2.66 -9.11
C SER B 232 -5.33 -3.78 -8.14
N ASN B 233 -4.35 -4.64 -7.82
CA ASN B 233 -4.63 -5.76 -6.92
C ASN B 233 -4.98 -5.30 -5.53
N MET B 234 -4.37 -4.20 -5.10
CA MET B 234 -4.50 -3.72 -3.74
C MET B 234 -5.91 -3.23 -3.49
N ILE B 235 -6.48 -2.50 -4.46
CA ILE B 235 -7.86 -2.06 -4.31
C ILE B 235 -8.88 -3.09 -4.77
N GLY B 236 -8.48 -4.11 -5.52
CA GLY B 236 -9.35 -5.23 -5.85
C GLY B 236 -9.80 -5.34 -7.29
N ILE B 237 -8.91 -4.98 -8.21
CA ILE B 237 -9.23 -4.78 -9.62
C ILE B 237 -8.33 -5.69 -10.40
N SER B 238 -8.93 -6.56 -11.20
CA SER B 238 -8.26 -7.64 -11.89
C SER B 238 -7.10 -7.15 -12.75
N SER B 239 -7.42 -6.40 -13.79
CA SER B 239 -6.45 -6.01 -14.78
C SER B 239 -5.88 -4.64 -14.43
N ALA B 240 -4.59 -4.48 -14.71
CA ALA B 240 -4.02 -3.16 -14.60
C ALA B 240 -4.52 -2.28 -15.71
N SER B 241 -4.76 -2.85 -16.90
CA SER B 241 -5.37 -2.07 -17.98
C SER B 241 -6.84 -1.77 -17.65
N TYR B 242 -7.57 -2.75 -17.13
CA TYR B 242 -8.91 -2.44 -16.68
C TYR B 242 -8.93 -1.36 -15.61
N PHE B 243 -7.98 -1.42 -14.66
CA PHE B 243 -7.91 -0.37 -13.65
C PHE B 243 -7.66 1.00 -14.28
N ILE B 244 -6.78 1.07 -15.29
CA ILE B 244 -6.54 2.35 -15.94
C ILE B 244 -7.80 2.91 -16.58
N ARG B 245 -8.61 2.03 -17.19
CA ARG B 245 -9.85 2.52 -17.75
C ARG B 245 -10.76 3.09 -16.67
N ILE B 246 -10.93 2.37 -15.56
CA ILE B 246 -11.85 2.84 -14.51
C ILE B 246 -11.36 4.18 -13.93
N PHE B 247 -10.06 4.29 -13.63
CA PHE B 247 -9.49 5.53 -13.12
C PHE B 247 -9.72 6.71 -14.07
N ASN B 248 -9.35 6.55 -15.33
CA ASN B 248 -9.56 7.58 -16.35
C ASN B 248 -11.04 8.01 -16.45
N LYS B 249 -11.96 7.05 -16.48
CA LYS B 249 -13.38 7.38 -16.52
C LYS B 249 -13.78 8.16 -15.29
N HIS B 250 -13.25 7.79 -14.13
CA HIS B 250 -13.70 8.45 -12.92
C HIS B 250 -13.10 9.84 -12.81
N TYR B 251 -11.78 9.93 -12.68
CA TYR B 251 -11.18 11.21 -12.37
C TYR B 251 -11.11 12.10 -13.59
N GLY B 252 -11.21 11.55 -14.78
CA GLY B 252 -11.02 12.41 -15.92
C GLY B 252 -9.60 12.60 -16.33
N VAL B 253 -8.67 11.88 -15.72
CA VAL B 253 -7.30 11.78 -16.18
C VAL B 253 -6.85 10.33 -16.05
N THR B 254 -5.74 9.97 -16.83
CA THR B 254 -5.17 8.65 -16.73
C THR B 254 -4.14 8.66 -15.61
N PRO B 255 -3.94 7.52 -14.91
CA PRO B 255 -2.98 7.53 -13.80
C PRO B 255 -1.63 8.11 -14.20
N LYS B 256 -1.20 7.86 -15.45
CA LYS B 256 0.10 8.36 -15.86
C LYS B 256 0.16 9.89 -15.82
N GLN B 257 -0.92 10.55 -16.29
CA GLN B 257 -0.95 12.03 -16.35
C GLN B 257 -1.14 12.63 -14.97
N PHE B 258 -2.02 12.02 -14.18
CA PHE B 258 -2.19 12.39 -12.78
C PHE B 258 -0.83 12.39 -12.08
N PHE B 259 -0.11 11.25 -12.18
CA PHE B 259 1.22 11.12 -11.57
C PHE B 259 2.19 12.16 -12.10
N THR B 260 2.21 12.39 -13.41
CA THR B 260 3.22 13.31 -13.94
C THR B 260 2.93 14.75 -13.54
N TYR B 261 1.64 15.11 -13.41
CA TYR B 261 1.26 16.44 -12.93
C TYR B 261 1.60 16.62 -11.45
N PHE B 262 1.45 15.57 -10.63
CA PHE B 262 1.67 15.74 -9.19
C PHE B 262 3.09 15.46 -8.71
N LYS B 263 3.94 14.84 -9.50
CA LYS B 263 5.32 14.68 -9.06
C LYS B 263 6.03 16.02 -9.22
C1 DKA C . 10.46 -12.78 1.42
O1 DKA C . 10.68 -14.02 1.45
C2 DKA C . 9.22 -12.21 2.12
C3 DKA C . 8.58 -13.22 3.08
C4 DKA C . 7.29 -12.69 3.70
C5 DKA C . 6.05 -13.28 3.04
C6 DKA C . 5.10 -13.90 4.06
C7 DKA C . 3.86 -14.52 3.41
C8 DKA C . 4.20 -15.25 2.11
C9 DKA C . 3.69 -16.69 2.11
C10 DKA C . 3.28 -17.15 0.71
O2 DKA C . 11.24 -12.01 0.82
C1 DKA D . -9.00 11.88 -0.13
O1 DKA D . -9.52 10.81 -0.56
C2 DKA D . -8.14 12.74 -1.06
C3 DKA D . -8.52 12.79 -2.54
C4 DKA D . -7.65 11.89 -3.39
C5 DKA D . -6.83 12.63 -4.45
C6 DKA D . -7.56 13.85 -5.00
C7 DKA D . -6.95 14.48 -6.26
C8 DKA D . -6.17 15.75 -5.92
C9 DKA D . -6.93 17.08 -6.14
C10 DKA D . -7.20 17.95 -4.89
O2 DKA D . -9.15 12.22 1.08
#